data_9MZA
#
_entry.id   9MZA
#
_cell.length_a   76.388
_cell.length_b   94.790
_cell.length_c   97.616
_cell.angle_alpha   90.000
_cell.angle_beta   90.000
_cell.angle_gamma   90.000
#
_symmetry.space_group_name_H-M   'P 21 21 21'
#
loop_
_entity.id
_entity.type
_entity.pdbx_description
1 polymer 'B-cell lymphoma 6 protein'
2 polymer 'Histone acetyltransferase p300'
3 non-polymer 1-{1-[5-({1-[5-chloro-4-({8-methoxy-1-methyl-3-[2-(methylamino)-2-oxoethoxy]-2-oxo-1,2-dihydroquinolin-6-yl}amino)pyrimidin-2-yl]piperidine-4-carbonyl}amino)pentanoyl]piperidin-4-yl}-3-[(6M)-7-(difluoromethyl)-6-(1-methyl-1H-pyrazol-4-yl)-3,4-dihydroquinolin-1(2H)-yl]-N-methyl-1,4,6,7-tetrahydro-5H-pyrazolo[4,3-c]pyridine-5-carboxamide
4 water water
#
loop_
_entity_poly.entity_id
_entity_poly.type
_entity_poly.pdbx_seq_one_letter_code
_entity_poly.pdbx_strand_id
1 'polypeptide(L)'
;GPGADSQIQFTRHASDVLLNLNRLRSRDILTDVVIVVSREQFRAHKTVLMACSGLFYSIFTDQLKRNLSVINLDPEINPE
GFNILLDFMYTSRLNLREGNIMAVMATAMYLQMEHVVDTCRKFIKASE
;
A,C
2 'polypeptide(L)'
;MHHHHHHSSGVDLGTENLYFQSMAPGQSKKKIFKPEELRQALMPTLEALYRQDPESLPFRQPVDPQLLGIPDYFDIVKSP
MDLSTIKRKLDTGQYQEPWQYVDDIWLMFNNAWLYNRKTSRVYKYCSKLSEVFEQEIDPVMQSLG
;
B,D
#
# COMPACT_ATOMS: atom_id res chain seq x y z
N SER A 6 13.03 14.51 -12.99
CA SER A 6 14.33 13.99 -12.49
C SER A 6 14.19 12.55 -11.98
N GLN A 7 13.41 12.34 -10.91
CA GLN A 7 13.25 11.01 -10.34
C GLN A 7 12.59 10.09 -11.37
N ILE A 8 12.94 8.81 -11.31
CA ILE A 8 12.35 7.80 -12.17
C ILE A 8 11.03 7.32 -11.55
N GLN A 9 10.02 7.27 -12.43
CA GLN A 9 8.65 6.91 -12.09
C GLN A 9 8.46 5.43 -12.41
N PHE A 10 8.21 4.61 -11.38
CA PHE A 10 7.85 3.20 -11.57
C PHE A 10 6.33 3.03 -11.58
N THR A 11 5.74 2.91 -12.79
CA THR A 11 4.30 3.04 -12.92
C THR A 11 3.54 1.82 -12.39
N ARG A 12 4.20 0.68 -12.19
CA ARG A 12 3.56 -0.51 -11.67
C ARG A 12 3.83 -0.71 -10.18
N HIS A 13 4.61 0.19 -9.55
CA HIS A 13 5.05 -0.02 -8.16
C HIS A 13 3.85 -0.03 -7.19
N ALA A 14 2.90 0.91 -7.39
CA ALA A 14 1.76 1.04 -6.47
C ALA A 14 0.87 -0.19 -6.49
N SER A 15 0.50 -0.67 -7.68
CA SER A 15 -0.19 -1.95 -7.86
C SER A 15 0.55 -3.10 -7.23
N ASP A 16 1.88 -3.16 -7.40
CA ASP A 16 2.66 -4.26 -6.86
C ASP A 16 2.61 -4.25 -5.33
N VAL A 17 2.69 -3.06 -4.75
CA VAL A 17 2.58 -2.94 -3.30
C VAL A 17 1.21 -3.43 -2.85
N LEU A 18 0.18 -3.02 -3.59
CA LEU A 18 -1.19 -3.36 -3.19
C LEU A 18 -1.41 -4.88 -3.25
N LEU A 19 -1.00 -5.47 -4.39
CA LEU A 19 -1.00 -6.93 -4.54
C LEU A 19 -0.33 -7.63 -3.37
N ASN A 20 0.85 -7.17 -2.98
CA ASN A 20 1.60 -7.86 -1.94
C ASN A 20 0.90 -7.71 -0.60
N LEU A 21 0.23 -6.55 -0.44
CA LEU A 21 -0.52 -6.32 0.79
C LEU A 21 -1.69 -7.31 0.87
N ASN A 22 -2.37 -7.49 -0.28
CA ASN A 22 -3.40 -8.50 -0.42
C ASN A 22 -2.86 -9.88 -0.06
N ARG A 23 -1.67 -10.21 -0.57
CA ARG A 23 -1.11 -11.51 -0.28
C ARG A 23 -0.95 -11.69 1.22
N LEU A 24 -0.50 -10.65 1.91
CA LEU A 24 -0.25 -10.81 3.33
C LEU A 24 -1.58 -10.98 4.04
N ARG A 25 -2.60 -10.25 3.55
CA ARG A 25 -3.93 -10.41 4.09
C ARG A 25 -4.38 -11.86 3.92
N SER A 26 -4.36 -12.33 2.67
CA SER A 26 -4.74 -13.70 2.34
C SER A 26 -4.03 -14.70 3.25
N ARG A 27 -2.77 -14.46 3.63
CA ARG A 27 -2.07 -15.42 4.48
C ARG A 27 -2.14 -15.03 5.95
N ASP A 28 -2.94 -14.01 6.28
CA ASP A 28 -3.04 -13.51 7.64
C ASP A 28 -1.70 -13.11 8.23
N ILE A 29 -0.81 -12.52 7.41
CA ILE A 29 0.47 -12.04 7.90
C ILE A 29 0.38 -10.55 8.25
N LEU A 30 0.67 -10.26 9.53
CA LEU A 30 0.78 -8.94 10.15
C LEU A 30 -0.54 -8.17 10.14
N THR A 31 -1.68 -8.86 10.01
CA THR A 31 -2.97 -8.24 10.27
C THR A 31 -3.01 -7.89 11.74
N ASP A 32 -3.56 -6.71 12.06
CA ASP A 32 -3.47 -6.16 13.41
C ASP A 32 -4.86 -5.76 13.90
N VAL A 33 -5.90 -6.04 13.12
CA VAL A 33 -7.22 -5.71 13.59
C VAL A 33 -8.22 -6.72 13.05
N VAL A 34 -9.28 -6.93 13.86
CA VAL A 34 -10.42 -7.66 13.33
C VAL A 34 -11.60 -6.71 13.35
N ILE A 35 -12.24 -6.61 12.18
CA ILE A 35 -13.43 -5.80 12.00
C ILE A 35 -14.64 -6.73 12.11
N VAL A 36 -15.45 -6.50 13.16
CA VAL A 36 -16.67 -7.25 13.41
C VAL A 36 -17.86 -6.54 12.77
N VAL A 37 -18.49 -7.20 11.80
CA VAL A 37 -19.70 -6.71 11.18
C VAL A 37 -20.81 -7.69 11.54
N SER A 38 -21.58 -7.33 12.57
CA SER A 38 -22.59 -8.21 13.15
C SER A 38 -21.95 -9.54 13.54
N ARG A 39 -22.28 -10.64 12.87
CA ARG A 39 -21.72 -11.90 13.34
C ARG A 39 -20.42 -12.22 12.60
N GLU A 40 -20.23 -11.61 11.43
CA GLU A 40 -19.04 -11.85 10.63
C GLU A 40 -17.81 -11.12 11.17
N GLN A 41 -16.65 -11.63 10.81
CA GLN A 41 -15.36 -11.11 11.25
C GLN A 41 -14.42 -11.01 10.06
N PHE A 42 -13.59 -9.96 10.07
CA PHE A 42 -12.66 -9.70 9.00
C PHE A 42 -11.35 -9.21 9.62
N ARG A 43 -10.28 -9.95 9.31
CA ARG A 43 -8.92 -9.60 9.69
C ARG A 43 -8.40 -8.67 8.59
N ALA A 44 -7.73 -7.60 9.01
CA ALA A 44 -7.19 -6.66 8.05
C ALA A 44 -5.98 -5.97 8.64
N HIS A 45 -5.32 -5.15 7.81
CA HIS A 45 -4.27 -4.27 8.28
C HIS A 45 -4.84 -2.86 8.48
N LYS A 46 -4.64 -2.31 9.68
CA LYS A 46 -5.18 -1.01 10.02
C LYS A 46 -4.78 0.08 9.02
N THR A 47 -3.56 0.01 8.50
CA THR A 47 -3.07 1.11 7.68
C THR A 47 -3.79 1.08 6.35
N VAL A 48 -4.10 -0.10 5.82
CA VAL A 48 -4.76 -0.19 4.52
C VAL A 48 -6.19 0.35 4.65
N LEU A 49 -6.78 0.05 5.82
CA LEU A 49 -8.16 0.45 6.13
C LEU A 49 -8.19 1.96 6.15
N MET A 50 -7.28 2.55 6.94
CA MET A 50 -7.18 4.00 7.06
C MET A 50 -7.01 4.60 5.67
N ALA A 51 -6.25 3.90 4.83
CA ALA A 51 -5.82 4.49 3.58
C ALA A 51 -6.95 4.52 2.56
N CYS A 52 -8.02 3.75 2.83
CA CYS A 52 -9.10 3.61 1.86
C CYS A 52 -10.42 4.15 2.39
N SER A 53 -10.49 4.53 3.67
CA SER A 53 -11.75 4.80 4.34
C SER A 53 -11.65 5.98 5.30
N GLY A 54 -12.54 6.97 5.12
CA GLY A 54 -12.63 8.12 6.01
C GLY A 54 -12.92 7.69 7.44
N LEU A 55 -13.82 6.71 7.59
CA LEU A 55 -14.19 6.26 8.91
C LEU A 55 -13.01 5.61 9.64
N PHE A 56 -12.32 4.69 8.96
CA PHE A 56 -11.20 4.00 9.56
C PHE A 56 -10.05 4.96 9.84
N TYR A 57 -9.90 5.93 8.92
CA TYR A 57 -9.01 7.06 9.13
C TYR A 57 -9.32 7.75 10.46
N SER A 58 -10.60 8.09 10.70
CA SER A 58 -11.01 8.73 11.94
C SER A 58 -10.82 7.81 13.14
N ILE A 59 -11.17 6.54 13.02
CA ILE A 59 -11.12 5.66 14.18
C ILE A 59 -9.65 5.55 14.63
N PHE A 60 -8.75 5.24 13.69
CA PHE A 60 -7.41 4.82 14.06
C PHE A 60 -6.55 6.05 14.34
N THR A 61 -6.91 7.23 13.81
CA THR A 61 -6.30 8.50 14.16
C THR A 61 -6.67 8.88 15.59
N ASP A 62 -7.85 8.50 16.08
CA ASP A 62 -8.22 8.77 17.46
C ASP A 62 -7.31 7.99 18.41
N GLN A 63 -6.57 8.70 19.27
CA GLN A 63 -5.62 8.12 20.20
C GLN A 63 -6.25 7.10 21.15
N LEU A 64 -7.54 7.27 21.49
CA LEU A 64 -8.22 6.37 22.40
C LEU A 64 -8.66 5.09 21.70
N LYS A 65 -8.41 4.96 20.39
CA LYS A 65 -8.83 3.78 19.63
C LYS A 65 -7.69 3.16 18.83
N ARG A 66 -6.61 3.91 18.62
CA ARG A 66 -5.54 3.58 17.68
C ARG A 66 -4.99 2.16 17.91
N ASN A 67 -4.95 1.72 19.18
CA ASN A 67 -4.32 0.45 19.55
C ASN A 67 -5.34 -0.64 19.85
N LEU A 68 -6.61 -0.43 19.50
CA LEU A 68 -7.60 -1.48 19.61
C LEU A 68 -7.28 -2.59 18.62
N SER A 69 -7.53 -3.84 19.03
CA SER A 69 -7.37 -4.99 18.16
C SER A 69 -8.70 -5.37 17.50
N VAL A 70 -9.81 -4.77 17.93
CA VAL A 70 -11.15 -5.16 17.51
C VAL A 70 -11.99 -3.91 17.36
N ILE A 71 -12.71 -3.80 16.24
CA ILE A 71 -13.61 -2.68 16.00
C ILE A 71 -14.96 -3.23 15.56
N ASN A 72 -16.00 -2.92 16.34
CA ASN A 72 -17.35 -3.32 16.03
C ASN A 72 -18.00 -2.25 15.17
N LEU A 73 -18.47 -2.62 13.98
CA LEU A 73 -19.19 -1.65 13.17
C LEU A 73 -20.61 -1.51 13.71
N ASP A 74 -21.31 -0.49 13.20
CA ASP A 74 -22.75 -0.35 13.38
C ASP A 74 -23.43 -1.65 12.97
N PRO A 75 -24.32 -2.17 13.87
CA PRO A 75 -25.05 -3.42 13.61
C PRO A 75 -25.95 -3.39 12.38
N GLU A 76 -26.36 -2.19 11.97
CA GLU A 76 -27.07 -2.01 10.72
C GLU A 76 -26.25 -2.50 9.53
N ILE A 77 -24.92 -2.61 9.68
CA ILE A 77 -24.07 -2.79 8.51
C ILE A 77 -24.12 -4.24 8.04
N ASN A 78 -24.30 -4.37 6.72
CA ASN A 78 -24.37 -5.62 5.98
C ASN A 78 -22.98 -6.25 5.77
N PRO A 79 -22.70 -7.49 6.21
CA PRO A 79 -21.41 -8.12 5.97
C PRO A 79 -21.02 -8.29 4.50
N GLU A 80 -21.89 -8.81 3.64
CA GLU A 80 -21.53 -8.99 2.24
C GLU A 80 -21.00 -7.67 1.68
N GLY A 81 -21.62 -6.57 2.10
CA GLY A 81 -21.25 -5.23 1.64
C GLY A 81 -19.87 -4.82 2.14
N PHE A 82 -19.60 -5.01 3.42
CA PHE A 82 -18.28 -4.77 3.96
C PHE A 82 -17.25 -5.61 3.20
N ASN A 83 -17.56 -6.88 2.97
CA ASN A 83 -16.62 -7.81 2.37
C ASN A 83 -16.28 -7.37 0.95
N ILE A 84 -17.28 -6.96 0.19
CA ILE A 84 -17.01 -6.49 -1.15
C ILE A 84 -16.05 -5.30 -1.09
N LEU A 85 -16.19 -4.47 -0.05
CA LEU A 85 -15.44 -3.23 -0.03
C LEU A 85 -14.02 -3.50 0.46
N LEU A 86 -13.88 -4.40 1.45
CA LEU A 86 -12.59 -4.84 1.94
C LEU A 86 -11.73 -5.37 0.79
N ASP A 87 -12.36 -6.17 -0.07
CA ASP A 87 -11.71 -6.71 -1.23
C ASP A 87 -11.32 -5.63 -2.20
N PHE A 88 -12.22 -4.67 -2.39
CA PHE A 88 -11.89 -3.49 -3.19
C PHE A 88 -10.64 -2.80 -2.63
N MET A 89 -10.57 -2.66 -1.29
CA MET A 89 -9.53 -1.86 -0.70
C MET A 89 -8.19 -2.49 -1.11
N TYR A 90 -8.15 -3.84 -1.15
CA TYR A 90 -6.93 -4.56 -1.41
C TYR A 90 -6.73 -4.95 -2.89
N THR A 91 -7.55 -4.44 -3.84
CA THR A 91 -7.42 -4.93 -5.21
C THR A 91 -7.63 -3.85 -6.26
N SER A 92 -8.29 -2.73 -5.93
CA SER A 92 -8.74 -1.73 -6.89
C SER A 92 -9.93 -2.20 -7.74
N ARG A 93 -10.51 -3.35 -7.37
CA ARG A 93 -11.55 -3.97 -8.15
C ARG A 93 -12.82 -4.04 -7.31
N LEU A 94 -13.90 -3.47 -7.86
CA LEU A 94 -15.14 -3.33 -7.10
C LEU A 94 -16.21 -4.16 -7.79
N ASN A 95 -16.73 -5.14 -7.06
CA ASN A 95 -17.72 -6.03 -7.63
C ASN A 95 -19.13 -5.50 -7.42
N LEU A 96 -19.64 -4.75 -8.41
CA LEU A 96 -20.97 -4.16 -8.31
C LEU A 96 -21.98 -4.99 -9.09
N ARG A 97 -23.02 -5.44 -8.37
CA ARG A 97 -24.15 -6.09 -9.01
C ARG A 97 -25.45 -5.46 -8.54
N GLU A 98 -26.50 -5.60 -9.37
CA GLU A 98 -27.82 -5.10 -9.02
C GLU A 98 -28.30 -5.75 -7.73
N GLY A 99 -27.93 -7.00 -7.47
CA GLY A 99 -28.31 -7.61 -6.21
C GLY A 99 -27.55 -7.06 -4.99
N ASN A 100 -26.41 -6.37 -5.18
CA ASN A 100 -25.63 -5.92 -4.03
C ASN A 100 -25.57 -4.40 -3.96
N ILE A 101 -25.87 -3.71 -5.06
CA ILE A 101 -25.54 -2.29 -5.18
C ILE A 101 -25.98 -1.48 -3.98
N MET A 102 -27.19 -1.68 -3.48
CA MET A 102 -27.71 -0.78 -2.45
C MET A 102 -27.00 -1.04 -1.13
N ALA A 103 -26.69 -2.30 -0.84
CA ALA A 103 -25.94 -2.62 0.37
C ALA A 103 -24.48 -2.14 0.28
N VAL A 104 -23.89 -2.18 -0.94
CA VAL A 104 -22.49 -1.80 -1.11
C VAL A 104 -22.38 -0.29 -0.88
N MET A 105 -23.25 0.47 -1.57
CA MET A 105 -23.31 1.92 -1.42
C MET A 105 -23.60 2.34 0.01
N ALA A 106 -24.57 1.73 0.66
CA ALA A 106 -24.85 2.08 2.04
C ALA A 106 -23.60 1.88 2.89
N THR A 107 -22.87 0.78 2.65
CA THR A 107 -21.70 0.47 3.45
C THR A 107 -20.59 1.47 3.15
N ALA A 108 -20.40 1.80 1.87
CA ALA A 108 -19.42 2.80 1.43
C ALA A 108 -19.71 4.17 2.05
N MET A 109 -21.01 4.53 2.14
CA MET A 109 -21.39 5.80 2.73
C MET A 109 -20.99 5.80 4.19
N TYR A 110 -21.17 4.69 4.88
CA TYR A 110 -20.87 4.65 6.30
C TYR A 110 -19.34 4.67 6.49
N LEU A 111 -18.60 4.07 5.55
CA LEU A 111 -17.16 3.93 5.67
C LEU A 111 -16.46 5.20 5.15
N GLN A 112 -17.21 6.05 4.42
CA GLN A 112 -16.70 7.33 3.95
C GLN A 112 -15.66 7.05 2.86
N MET A 113 -16.17 6.40 1.82
CA MET A 113 -15.41 6.01 0.67
C MET A 113 -16.15 6.66 -0.48
N GLU A 114 -15.90 7.96 -0.66
CA GLU A 114 -16.75 8.83 -1.45
C GLU A 114 -16.65 8.61 -2.95
N HIS A 115 -15.48 8.27 -3.50
CA HIS A 115 -15.42 8.02 -4.94
C HIS A 115 -16.10 6.67 -5.22
N VAL A 116 -16.13 5.79 -4.23
CA VAL A 116 -16.89 4.55 -4.38
C VAL A 116 -18.37 4.90 -4.39
N VAL A 117 -18.82 5.62 -3.34
CA VAL A 117 -20.20 6.06 -3.23
C VAL A 117 -20.65 6.71 -4.54
N ASP A 118 -19.80 7.58 -5.08
CA ASP A 118 -20.11 8.26 -6.31
C ASP A 118 -20.24 7.30 -7.49
N THR A 119 -19.32 6.35 -7.62
CA THR A 119 -19.40 5.33 -8.66
C THR A 119 -20.69 4.50 -8.49
N CYS A 120 -21.06 4.17 -7.25
CA CYS A 120 -22.28 3.42 -6.99
C CYS A 120 -23.50 4.17 -7.58
N ARG A 121 -23.58 5.48 -7.32
CA ARG A 121 -24.67 6.29 -7.82
C ARG A 121 -24.71 6.29 -9.35
N LYS A 122 -23.54 6.21 -10.00
CA LYS A 122 -23.52 6.20 -11.45
C LYS A 122 -24.06 4.86 -11.95
N PHE A 123 -23.74 3.79 -11.20
CA PHE A 123 -24.18 2.47 -11.59
C PHE A 123 -25.71 2.43 -11.50
N ILE A 124 -26.25 2.97 -10.39
CA ILE A 124 -27.68 3.00 -10.14
C ILE A 124 -28.41 3.72 -11.27
N LYS A 125 -27.93 4.92 -11.63
CA LYS A 125 -28.66 5.77 -12.54
C LYS A 125 -28.60 5.24 -13.97
N ALA A 126 -27.53 4.54 -14.33
CA ALA A 126 -27.42 4.01 -15.68
C ALA A 126 -28.01 2.59 -15.78
N SER A 127 -28.41 1.99 -14.63
CA SER A 127 -29.21 0.76 -14.56
C SER A 127 -30.56 0.95 -15.26
N ILE B 32 26.56 48.79 -6.13
CA ILE B 32 26.66 47.44 -6.75
C ILE B 32 27.11 46.42 -5.68
N PHE B 33 26.25 45.43 -5.41
CA PHE B 33 26.59 44.31 -4.55
C PHE B 33 26.88 43.08 -5.43
N LYS B 34 28.12 42.56 -5.31
CA LYS B 34 28.51 41.31 -5.95
C LYS B 34 27.99 40.13 -5.14
N PRO B 35 27.52 39.04 -5.81
CA PRO B 35 26.99 37.88 -5.13
C PRO B 35 27.71 37.55 -3.83
N GLU B 36 29.03 37.34 -3.92
CA GLU B 36 29.78 36.78 -2.82
C GLU B 36 29.72 37.70 -1.59
N GLU B 37 29.60 39.01 -1.83
CA GLU B 37 29.52 39.95 -0.72
C GLU B 37 28.27 39.66 0.10
N LEU B 38 27.11 39.63 -0.59
CA LEU B 38 25.82 39.36 0.02
C LEU B 38 25.84 37.99 0.70
N ARG B 39 26.30 36.98 -0.04
CA ARG B 39 26.39 35.62 0.47
C ARG B 39 27.16 35.62 1.79
N GLN B 40 28.25 36.38 1.86
CA GLN B 40 29.08 36.36 3.06
C GLN B 40 28.38 37.10 4.20
N ALA B 41 27.65 38.17 3.82
CA ALA B 41 26.96 39.04 4.77
C ALA B 41 25.71 38.36 5.34
N LEU B 42 24.93 37.73 4.45
CA LEU B 42 23.56 37.32 4.70
C LEU B 42 23.45 35.85 5.11
N MET B 43 24.26 34.97 4.50
CA MET B 43 24.19 33.54 4.75
C MET B 43 24.26 33.18 6.23
N PRO B 44 25.05 33.86 7.09
CA PRO B 44 24.98 33.56 8.52
C PRO B 44 23.60 33.79 9.12
N THR B 45 22.86 34.79 8.62
CA THR B 45 21.51 35.07 9.10
C THR B 45 20.60 33.90 8.71
N LEU B 46 20.74 33.40 7.48
CA LEU B 46 19.99 32.24 7.02
C LEU B 46 20.35 31.02 7.86
N GLU B 47 21.65 30.73 7.97
N GLU B 47 21.65 30.73 7.97
CA GLU B 47 22.13 29.57 8.70
CA GLU B 47 22.14 29.58 8.70
C GLU B 47 21.70 29.64 10.16
C GLU B 47 21.70 29.64 10.16
N ALA B 48 21.57 30.86 10.71
CA ALA B 48 21.10 31.06 12.08
C ALA B 48 19.64 30.63 12.28
N LEU B 49 18.85 30.69 11.20
CA LEU B 49 17.46 30.25 11.23
C LEU B 49 17.43 28.73 11.27
N TYR B 50 18.12 28.09 10.30
CA TYR B 50 18.25 26.64 10.28
C TYR B 50 18.68 26.12 11.64
N ARG B 51 19.64 26.78 12.28
CA ARG B 51 20.20 26.29 13.53
C ARG B 51 19.10 26.18 14.59
N GLN B 52 18.08 27.04 14.51
CA GLN B 52 16.94 26.94 15.40
C GLN B 52 16.18 25.64 15.12
N ASP B 53 16.11 24.80 16.15
CA ASP B 53 15.41 23.53 16.11
C ASP B 53 14.60 23.32 17.38
N PRO B 54 13.27 23.02 17.34
CA PRO B 54 12.55 22.61 16.14
C PRO B 54 12.00 23.70 15.21
N GLU B 55 12.10 24.96 15.60
CA GLU B 55 11.29 26.03 15.00
C GLU B 55 11.51 26.16 13.49
N SER B 56 12.70 25.83 12.99
CA SER B 56 12.99 25.97 11.56
C SER B 56 12.39 24.84 10.73
N LEU B 57 11.86 23.82 11.39
CA LEU B 57 11.58 22.57 10.67
C LEU B 57 10.42 22.73 9.70
N PRO B 58 9.33 23.47 10.06
CA PRO B 58 8.27 23.76 9.10
C PRO B 58 8.73 24.60 7.91
N PHE B 59 9.95 25.18 8.00
CA PHE B 59 10.37 26.19 7.03
C PHE B 59 11.50 25.73 6.12
N ARG B 60 12.16 24.60 6.45
CA ARG B 60 13.34 24.19 5.68
C ARG B 60 13.03 23.70 4.26
N GLN B 61 11.79 23.31 3.97
CA GLN B 61 11.47 22.80 2.65
C GLN B 61 10.21 23.48 2.15
N PRO B 62 9.99 23.62 0.83
CA PRO B 62 8.75 24.16 0.36
C PRO B 62 7.56 23.40 0.96
N VAL B 63 6.50 24.12 1.28
CA VAL B 63 5.26 23.50 1.73
C VAL B 63 4.76 22.57 0.61
N ASP B 64 4.52 21.30 0.99
CA ASP B 64 3.92 20.26 0.16
C ASP B 64 2.46 20.04 0.55
N PRO B 65 1.51 20.67 -0.17
CA PRO B 65 0.09 20.57 0.19
C PRO B 65 -0.44 19.14 0.18
N GLN B 66 0.02 18.36 -0.79
CA GLN B 66 -0.38 16.97 -0.95
C GLN B 66 0.07 16.10 0.22
N LEU B 67 1.36 16.04 0.47
CA LEU B 67 1.85 15.19 1.53
C LEU B 67 1.25 15.60 2.86
N LEU B 68 1.13 16.92 3.10
CA LEU B 68 0.73 17.45 4.40
C LEU B 68 -0.79 17.37 4.63
N GLY B 69 -1.54 17.28 3.53
CA GLY B 69 -2.98 17.08 3.62
C GLY B 69 -3.70 18.37 3.99
N ILE B 70 -3.44 19.40 3.17
CA ILE B 70 -3.94 20.75 3.32
C ILE B 70 -4.10 21.32 1.93
N PRO B 71 -5.07 20.84 1.14
CA PRO B 71 -5.15 21.17 -0.28
C PRO B 71 -5.48 22.63 -0.58
N ASP B 72 -5.96 23.40 0.41
CA ASP B 72 -6.27 24.81 0.17
C ASP B 72 -4.99 25.68 0.14
N TYR B 73 -3.85 25.16 0.60
CA TYR B 73 -2.64 25.96 0.80
C TYR B 73 -2.37 26.93 -0.36
N PHE B 74 -2.38 26.47 -1.60
CA PHE B 74 -1.99 27.33 -2.71
C PHE B 74 -3.14 28.28 -3.10
N ASP B 75 -4.29 28.20 -2.43
CA ASP B 75 -5.34 29.18 -2.64
C ASP B 75 -5.11 30.38 -1.74
N ILE B 76 -4.71 30.11 -0.49
CA ILE B 76 -4.39 31.13 0.49
C ILE B 76 -3.06 31.81 0.16
N VAL B 77 -2.03 31.00 -0.20
CA VAL B 77 -0.65 31.45 -0.31
C VAL B 77 -0.23 31.46 -1.77
N LYS B 78 -0.19 32.65 -2.35
CA LYS B 78 -0.05 32.77 -3.79
C LYS B 78 1.41 32.86 -4.20
N SER B 79 2.31 33.14 -3.23
CA SER B 79 3.72 33.23 -3.53
CA SER B 79 3.72 33.23 -3.53
C SER B 79 4.49 32.50 -2.44
N PRO B 80 4.65 31.15 -2.54
CA PRO B 80 5.30 30.40 -1.47
C PRO B 80 6.79 30.70 -1.39
N MET B 81 7.34 30.46 -0.21
CA MET B 81 8.75 30.69 0.02
C MET B 81 9.18 29.93 1.27
N ASP B 82 10.43 29.45 1.26
CA ASP B 82 10.96 28.69 2.39
C ASP B 82 12.45 28.89 2.48
N LEU B 83 13.06 28.45 3.58
CA LEU B 83 14.50 28.55 3.78
C LEU B 83 15.25 28.01 2.56
N SER B 84 14.83 26.87 2.02
CA SER B 84 15.64 26.18 1.01
C SER B 84 15.63 26.98 -0.27
N THR B 85 14.48 27.57 -0.62
CA THR B 85 14.40 28.37 -1.83
C THR B 85 15.27 29.63 -1.72
N ILE B 86 15.43 30.12 -0.49
CA ILE B 86 16.15 31.36 -0.30
C ILE B 86 17.64 31.04 -0.41
N LYS B 87 18.05 29.96 0.28
CA LYS B 87 19.41 29.46 0.20
C LYS B 87 19.85 29.27 -1.25
N ARG B 88 19.01 28.63 -2.08
CA ARG B 88 19.31 28.46 -3.50
C ARG B 88 19.58 29.82 -4.14
N LYS B 89 18.67 30.77 -3.96
CA LYS B 89 18.79 32.09 -4.55
C LYS B 89 20.10 32.81 -4.16
N LEU B 90 20.49 32.75 -2.88
CA LEU B 90 21.78 33.26 -2.44
C LEU B 90 22.92 32.61 -3.23
N ASP B 91 23.02 31.27 -3.12
CA ASP B 91 24.08 30.45 -3.72
C ASP B 91 24.10 30.56 -5.24
N THR B 92 22.97 30.89 -5.87
CA THR B 92 22.96 31.16 -7.31
C THR B 92 23.10 32.67 -7.58
N GLY B 93 23.46 33.45 -6.54
CA GLY B 93 23.55 34.90 -6.62
C GLY B 93 22.39 35.53 -7.37
N GLN B 94 21.15 35.29 -6.90
CA GLN B 94 19.96 35.82 -7.54
C GLN B 94 19.46 37.09 -6.84
N TYR B 95 20.02 37.40 -5.66
CA TYR B 95 19.75 38.66 -5.01
C TYR B 95 20.78 39.70 -5.45
N GLN B 96 20.30 40.84 -5.99
CA GLN B 96 21.14 42.00 -6.28
C GLN B 96 21.36 42.86 -5.04
N GLU B 97 20.31 43.06 -4.21
CA GLU B 97 20.46 43.86 -3.01
C GLU B 97 19.90 43.14 -1.80
N PRO B 98 20.44 43.42 -0.60
CA PRO B 98 20.00 42.79 0.64
C PRO B 98 18.51 42.93 0.99
N TRP B 99 17.85 43.97 0.49
CA TRP B 99 16.44 44.16 0.82
C TRP B 99 15.61 43.09 0.11
N GLN B 100 16.08 42.62 -1.03
CA GLN B 100 15.43 41.52 -1.74
C GLN B 100 15.51 40.20 -0.96
N TYR B 101 16.66 39.94 -0.32
CA TYR B 101 16.76 38.79 0.56
C TYR B 101 15.76 38.98 1.71
N VAL B 102 15.68 40.21 2.25
CA VAL B 102 14.88 40.47 3.45
C VAL B 102 13.39 40.35 3.11
N ASP B 103 13.02 40.74 1.89
CA ASP B 103 11.67 40.57 1.40
C ASP B 103 11.26 39.10 1.40
N ASP B 104 12.11 38.21 0.88
CA ASP B 104 11.76 36.80 0.78
C ASP B 104 11.61 36.21 2.19
N ILE B 105 12.45 36.65 3.11
CA ILE B 105 12.37 36.13 4.46
C ILE B 105 11.00 36.47 5.04
N TRP B 106 10.54 37.69 4.79
CA TRP B 106 9.27 38.16 5.34
C TRP B 106 8.11 37.53 4.58
N LEU B 107 8.20 37.41 3.26
CA LEU B 107 7.21 36.65 2.53
C LEU B 107 7.03 35.26 3.18
N MET B 108 8.15 34.59 3.47
CA MET B 108 8.11 33.28 4.06
C MET B 108 7.38 33.32 5.41
N PHE B 109 7.78 34.23 6.30
CA PHE B 109 7.14 34.31 7.60
C PHE B 109 5.68 34.70 7.46
N ASN B 110 5.38 35.57 6.49
CA ASN B 110 4.06 36.15 6.39
C ASN B 110 3.10 35.09 5.85
N ASN B 111 3.55 34.31 4.84
CA ASN B 111 2.82 33.13 4.36
C ASN B 111 2.43 32.25 5.56
N ALA B 112 3.36 31.99 6.48
CA ALA B 112 3.05 31.06 7.54
C ALA B 112 2.02 31.67 8.46
N TRP B 113 2.19 32.95 8.83
CA TRP B 113 1.27 33.61 9.74
C TRP B 113 -0.16 33.71 9.16
N LEU B 114 -0.23 33.94 7.83
CA LEU B 114 -1.45 33.99 7.06
C LEU B 114 -2.16 32.64 7.08
N TYR B 115 -1.41 31.59 6.68
CA TYR B 115 -2.01 30.27 6.44
C TYR B 115 -2.31 29.57 7.78
N ASN B 116 -1.42 29.60 8.76
CA ASN B 116 -1.59 28.77 9.94
C ASN B 116 -2.41 29.55 10.96
N ARG B 117 -3.16 28.80 11.78
CA ARG B 117 -3.96 29.39 12.85
C ARG B 117 -3.01 29.89 13.92
N LYS B 118 -3.46 30.86 14.72
CA LYS B 118 -2.63 31.48 15.74
C LYS B 118 -2.38 30.49 16.88
N THR B 119 -3.28 29.50 17.00
CA THR B 119 -3.19 28.45 18.01
C THR B 119 -2.17 27.37 17.61
N SER B 120 -1.83 27.27 16.31
CA SER B 120 -1.05 26.16 15.76
C SER B 120 0.45 26.29 16.06
N ARG B 121 1.14 25.15 15.97
CA ARG B 121 2.54 25.09 16.34
C ARG B 121 3.41 25.82 15.31
N VAL B 122 3.04 25.72 14.02
CA VAL B 122 3.87 26.29 12.96
C VAL B 122 3.79 27.83 12.99
N TYR B 123 2.61 28.36 13.34
CA TYR B 123 2.46 29.80 13.58
C TYR B 123 3.35 30.23 14.75
N LYS B 124 3.24 29.53 15.88
CA LYS B 124 4.05 29.86 17.04
C LYS B 124 5.54 29.79 16.68
N TYR B 125 5.92 28.81 15.85
CA TYR B 125 7.31 28.67 15.47
C TYR B 125 7.70 29.85 14.59
N CYS B 126 6.77 30.29 13.73
CA CYS B 126 6.97 31.47 12.89
C CYS B 126 7.33 32.70 13.72
N SER B 127 6.55 32.96 14.77
CA SER B 127 6.79 34.06 15.67
C SER B 127 8.22 34.02 16.22
N LYS B 128 8.61 32.86 16.76
CA LYS B 128 9.90 32.73 17.42
C LYS B 128 11.03 32.85 16.39
N LEU B 129 10.84 32.22 15.24
CA LEU B 129 11.87 32.25 14.21
C LEU B 129 12.07 33.69 13.75
N SER B 130 10.97 34.47 13.71
CA SER B 130 11.04 35.84 13.19
C SER B 130 11.86 36.71 14.15
N GLU B 131 11.66 36.50 15.46
CA GLU B 131 12.45 37.12 16.51
C GLU B 131 13.94 36.98 16.19
N VAL B 132 14.37 35.73 15.94
CA VAL B 132 15.75 35.37 15.70
C VAL B 132 16.26 36.08 14.45
N PHE B 133 15.42 36.13 13.42
CA PHE B 133 15.86 36.77 12.20
C PHE B 133 16.13 38.24 12.44
N GLU B 134 15.22 38.89 13.20
CA GLU B 134 15.30 40.32 13.47
C GLU B 134 16.56 40.64 14.25
N GLN B 135 16.80 39.84 15.31
CA GLN B 135 17.96 39.90 16.19
C GLN B 135 19.25 40.07 15.41
N GLU B 136 19.39 39.33 14.29
CA GLU B 136 20.68 39.32 13.67
C GLU B 136 20.64 39.66 12.19
N ILE B 137 19.57 40.30 11.71
CA ILE B 137 19.64 40.97 10.42
C ILE B 137 19.92 42.46 10.66
N ASP B 138 19.54 42.97 11.84
CA ASP B 138 19.62 44.40 12.11
C ASP B 138 21.09 44.81 12.12
N PRO B 139 21.96 44.11 12.87
CA PRO B 139 23.41 44.26 12.73
C PRO B 139 23.88 44.28 11.28
N VAL B 140 23.65 43.16 10.58
CA VAL B 140 24.18 42.99 9.24
C VAL B 140 23.69 44.10 8.30
N MET B 141 22.47 44.62 8.50
CA MET B 141 21.90 45.54 7.54
C MET B 141 22.53 46.93 7.68
N GLN B 142 23.01 47.25 8.89
CA GLN B 142 23.71 48.50 9.14
C GLN B 142 24.90 48.65 8.18
N SER B 143 25.69 47.59 7.98
CA SER B 143 26.71 47.62 6.94
C SER B 143 26.05 47.40 5.57
N SER C 6 -17.25 -9.03 -14.07
CA SER C 6 -16.56 -7.80 -14.58
C SER C 6 -16.67 -6.68 -13.54
N GLN C 7 -15.73 -6.75 -12.59
CA GLN C 7 -15.66 -5.76 -11.52
C GLN C 7 -15.29 -4.43 -12.15
N ILE C 8 -15.60 -3.34 -11.45
CA ILE C 8 -15.10 -2.02 -11.82
C ILE C 8 -13.66 -1.83 -11.30
N GLN C 9 -12.80 -1.39 -12.22
CA GLN C 9 -11.37 -1.19 -12.02
C GLN C 9 -11.15 0.29 -11.71
N PHE C 10 -10.67 0.59 -10.49
CA PHE C 10 -10.31 1.97 -10.12
C PHE C 10 -8.82 2.22 -10.34
N THR C 11 -8.47 2.90 -11.43
CA THR C 11 -7.08 2.91 -11.87
C THR C 11 -6.19 3.82 -11.01
N ARG C 12 -6.76 4.72 -10.20
CA ARG C 12 -5.96 5.55 -9.32
C ARG C 12 -5.91 5.03 -7.89
N HIS C 13 -6.60 3.93 -7.59
CA HIS C 13 -6.78 3.50 -6.21
C HIS C 13 -5.44 3.14 -5.55
N ALA C 14 -4.60 2.38 -6.27
CA ALA C 14 -3.33 1.90 -5.71
C ALA C 14 -2.39 3.05 -5.34
N SER C 15 -2.21 4.02 -6.25
CA SER C 15 -1.44 5.22 -5.96
C SER C 15 -2.02 5.99 -4.77
N ASP C 16 -3.36 6.08 -4.68
CA ASP C 16 -4.02 6.80 -3.60
C ASP C 16 -3.70 6.13 -2.28
N VAL C 17 -3.76 4.82 -2.25
CA VAL C 17 -3.39 4.08 -1.04
C VAL C 17 -1.95 4.36 -0.68
N LEU C 18 -1.06 4.36 -1.69
CA LEU C 18 0.36 4.53 -1.45
C LEU C 18 0.64 5.93 -0.85
N LEU C 19 0.07 6.93 -1.52
CA LEU C 19 0.12 8.31 -1.03
C LEU C 19 -0.30 8.39 0.43
N ASN C 20 -1.42 7.76 0.78
CA ASN C 20 -1.95 7.86 2.12
C ASN C 20 -1.02 7.15 3.10
N LEU C 21 -0.38 6.09 2.63
CA LEU C 21 0.55 5.36 3.48
C LEU C 21 1.76 6.25 3.77
N ASN C 22 2.23 6.96 2.72
CA ASN C 22 3.27 7.97 2.88
C ASN C 22 2.86 9.04 3.90
N ARG C 23 1.60 9.51 3.80
CA ARG C 23 1.14 10.50 4.74
C ARG C 23 1.24 9.97 6.17
N LEU C 24 0.91 8.70 6.38
CA LEU C 24 0.91 8.18 7.74
C LEU C 24 2.35 8.07 8.22
N ARG C 25 3.23 7.70 7.27
CA ARG C 25 4.66 7.64 7.57
C ARG C 25 5.11 9.02 8.02
N SER C 26 4.88 10.00 7.16
CA SER C 26 5.26 11.37 7.44
C SER C 26 4.79 11.80 8.83
N ARG C 27 3.59 11.38 9.26
CA ARG C 27 3.09 11.81 10.57
C ARG C 27 3.43 10.80 11.66
N ASP C 28 4.21 9.77 11.34
CA ASP C 28 4.55 8.73 12.30
C ASP C 28 3.31 8.05 12.86
N ILE C 29 2.30 7.84 12.01
CA ILE C 29 1.09 7.16 12.44
C ILE C 29 1.18 5.68 12.04
N LEU C 30 1.12 4.82 13.08
CA LEU C 30 1.00 3.37 13.01
C LEU C 30 2.25 2.74 12.40
N THR C 31 3.38 3.46 12.39
CA THR C 31 4.66 2.85 12.13
C THR C 31 4.95 1.90 13.28
N ASP C 32 5.53 0.75 12.97
CA ASP C 32 5.71 -0.30 13.96
C ASP C 32 7.16 -0.78 14.00
N VAL C 33 8.04 -0.09 13.29
CA VAL C 33 9.42 -0.52 13.28
C VAL C 33 10.31 0.69 13.08
N VAL C 34 11.51 0.62 13.68
CA VAL C 34 12.56 1.54 13.30
C VAL C 34 13.69 0.74 12.67
N ILE C 35 14.11 1.18 11.48
CA ILE C 35 15.21 0.60 10.74
C ILE C 35 16.45 1.47 11.00
N VAL C 36 17.44 0.87 11.69
CA VAL C 36 18.67 1.54 12.09
C VAL C 36 19.78 1.24 11.07
N VAL C 37 20.24 2.29 10.39
CA VAL C 37 21.26 2.20 9.37
C VAL C 37 22.44 2.99 9.90
N SER C 38 23.41 2.25 10.44
CA SER C 38 24.54 2.84 11.14
C SER C 38 23.99 3.67 12.28
N ARG C 39 24.15 4.98 12.29
CA ARG C 39 23.67 5.74 13.44
C ARG C 39 22.24 6.21 13.18
N GLU C 40 21.85 6.33 11.91
CA GLU C 40 20.60 6.95 11.53
C GLU C 40 19.42 6.00 11.72
N GLN C 41 18.22 6.60 11.82
CA GLN C 41 17.01 5.86 12.16
C GLN C 41 15.88 6.22 11.22
N PHE C 42 15.09 5.19 10.89
CA PHE C 42 13.98 5.34 9.96
C PHE C 42 12.79 4.53 10.48
N ARG C 43 11.70 5.25 10.70
CA ARG C 43 10.44 4.67 11.11
C ARG C 43 9.71 4.28 9.84
N ALA C 44 9.08 3.11 9.92
CA ALA C 44 8.36 2.63 8.77
C ALA C 44 7.23 1.72 9.23
N HIS C 45 6.41 1.33 8.26
CA HIS C 45 5.42 0.27 8.45
C HIS C 45 5.96 -1.04 7.89
N LYS C 46 6.00 -2.08 8.73
CA LYS C 46 6.60 -3.35 8.35
C LYS C 46 5.98 -3.92 7.09
N THR C 47 4.67 -3.72 6.89
CA THR C 47 4.00 -4.33 5.77
C THR C 47 4.46 -3.69 4.47
N VAL C 48 4.68 -2.36 4.47
CA VAL C 48 5.11 -1.68 3.25
C VAL C 48 6.52 -2.13 2.88
N LEU C 49 7.33 -2.37 3.93
CA LEU C 49 8.72 -2.76 3.79
C LEU C 49 8.72 -4.15 3.13
N MET C 50 7.95 -5.08 3.73
CA MET C 50 7.84 -6.43 3.21
C MET C 50 7.37 -6.36 1.76
N ALA C 51 6.49 -5.40 1.47
CA ALA C 51 5.84 -5.39 0.18
C ALA C 51 6.77 -4.93 -0.90
N CYS C 52 7.90 -4.31 -0.52
CA CYS C 52 8.79 -3.70 -1.50
C CYS C 52 10.18 -4.35 -1.51
N SER C 53 10.45 -5.28 -0.58
CA SER C 53 11.81 -5.72 -0.33
C SER C 53 11.83 -7.20 0.03
N GLY C 54 12.65 -7.98 -0.72
CA GLY C 54 12.85 -9.40 -0.46
C GLY C 54 13.37 -9.61 0.96
N LEU C 55 14.31 -8.75 1.37
CA LEU C 55 14.95 -8.92 2.65
C LEU C 55 13.92 -8.70 3.78
N PHE C 56 13.17 -7.60 3.71
CA PHE C 56 12.20 -7.27 4.74
C PHE C 56 11.09 -8.32 4.79
N TYR C 57 10.71 -8.78 3.59
CA TYR C 57 9.82 -9.92 3.44
C TYR C 57 10.32 -11.11 4.25
N SER C 58 11.62 -11.46 4.09
CA SER C 58 12.20 -12.59 4.80
C SER C 58 12.29 -12.31 6.28
N ILE C 59 12.69 -11.11 6.66
CA ILE C 59 12.84 -10.83 8.09
C ILE C 59 11.50 -11.01 8.80
N PHE C 60 10.45 -10.36 8.26
CA PHE C 60 9.20 -10.21 8.99
C PHE C 60 8.36 -11.48 8.85
N THR C 61 8.56 -12.28 7.79
CA THR C 61 7.92 -13.60 7.77
C THR C 61 8.59 -14.56 8.74
N ASP C 62 9.88 -14.37 9.09
CA ASP C 62 10.49 -15.19 10.12
C ASP C 62 9.82 -14.97 11.48
N GLN C 63 9.26 -16.04 12.05
CA GLN C 63 8.53 -15.99 13.31
C GLN C 63 9.36 -15.44 14.48
N LEU C 64 10.67 -15.66 14.45
CA LEU C 64 11.54 -15.20 15.54
C LEU C 64 11.79 -13.69 15.44
N LYS C 65 11.35 -13.03 14.36
CA LYS C 65 11.70 -11.64 14.11
C LYS C 65 10.47 -10.78 13.81
N ARG C 66 9.33 -11.42 13.51
CA ARG C 66 8.13 -10.74 13.04
C ARG C 66 7.70 -9.64 14.00
N ASN C 67 8.00 -9.81 15.30
CA ASN C 67 7.53 -8.92 16.36
C ASN C 67 8.62 -7.96 16.84
N LEU C 68 9.77 -7.92 16.16
CA LEU C 68 10.80 -6.96 16.52
C LEU C 68 10.35 -5.55 16.20
N SER C 69 10.71 -4.62 17.08
CA SER C 69 10.40 -3.22 16.89
C SER C 69 11.59 -2.49 16.26
N VAL C 70 12.75 -3.15 16.17
CA VAL C 70 13.99 -2.53 15.76
C VAL C 70 14.75 -3.53 14.89
N ILE C 71 15.25 -3.05 13.75
CA ILE C 71 16.05 -3.90 12.87
C ILE C 71 17.31 -3.12 12.53
N ASN C 72 18.47 -3.69 12.89
CA ASN C 72 19.74 -3.08 12.55
C ASN C 72 20.22 -3.62 11.22
N LEU C 73 20.40 -2.76 10.22
CA LEU C 73 20.92 -3.23 8.96
C LEU C 73 22.43 -3.41 9.11
N ASP C 74 23.00 -4.15 8.14
CA ASP C 74 24.43 -4.31 7.99
C ASP C 74 25.09 -2.93 8.06
N PRO C 75 26.12 -2.79 8.94
CA PRO C 75 26.87 -1.54 9.11
C PRO C 75 27.51 -1.00 7.84
N GLU C 76 27.79 -1.90 6.90
CA GLU C 76 28.23 -1.52 5.57
C GLU C 76 27.21 -0.61 4.89
N ILE C 77 25.93 -0.66 5.31
CA ILE C 77 24.89 -0.03 4.51
C ILE C 77 24.90 1.48 4.74
N ASN C 78 24.82 2.19 3.60
CA ASN C 78 24.82 3.62 3.48
C ASN C 78 23.44 4.21 3.83
N PRO C 79 23.30 5.12 4.81
CA PRO C 79 22.02 5.72 5.12
C PRO C 79 21.34 6.51 3.98
N GLU C 80 22.04 7.41 3.31
CA GLU C 80 21.42 8.18 2.23
C GLU C 80 20.78 7.21 1.22
N GLY C 81 21.47 6.09 1.00
CA GLY C 81 21.00 5.06 0.07
C GLY C 81 19.71 4.39 0.55
N PHE C 82 19.67 3.99 1.83
CA PHE C 82 18.48 3.44 2.42
C PHE C 82 17.34 4.44 2.27
N ASN C 83 17.63 5.70 2.57
CA ASN C 83 16.60 6.72 2.64
C ASN C 83 16.01 6.92 1.25
N ILE C 84 16.85 6.97 0.23
CA ILE C 84 16.34 7.14 -1.12
C ILE C 84 15.38 6.00 -1.43
N LEU C 85 15.68 4.81 -0.92
CA LEU C 85 14.92 3.65 -1.32
C LEU C 85 13.63 3.57 -0.51
N LEU C 86 13.69 3.92 0.79
CA LEU C 86 12.53 4.03 1.64
C LEU C 86 11.50 4.98 1.03
N ASP C 87 11.99 6.10 0.54
CA ASP C 87 11.11 7.08 -0.07
C ASP C 87 10.53 6.55 -1.38
N PHE C 88 11.35 5.82 -2.12
CA PHE C 88 10.85 5.13 -3.32
C PHE C 88 9.71 4.18 -2.92
N MET C 89 9.88 3.45 -1.81
CA MET C 89 8.93 2.43 -1.45
C MET C 89 7.58 3.12 -1.29
N TYR C 90 7.58 4.33 -0.72
CA TYR C 90 6.35 5.03 -0.40
C TYR C 90 5.95 6.06 -1.46
N THR C 91 6.60 6.10 -2.64
CA THR C 91 6.22 7.12 -3.63
C THR C 91 6.16 6.60 -5.05
N SER C 92 6.82 5.48 -5.38
CA SER C 92 7.04 5.05 -6.78
C SER C 92 8.08 5.90 -7.52
N ARG C 93 8.77 6.78 -6.79
CA ARG C 93 9.70 7.72 -7.40
C ARG C 93 11.10 7.45 -6.87
N LEU C 94 12.02 7.19 -7.82
CA LEU C 94 13.38 6.80 -7.47
C LEU C 94 14.34 7.90 -7.90
N ASN C 95 15.03 8.47 -6.89
CA ASN C 95 15.88 9.62 -7.07
C ASN C 95 17.31 9.18 -7.37
N LEU C 96 17.61 8.97 -8.65
CA LEU C 96 18.91 8.43 -9.05
C LEU C 96 19.81 9.57 -9.53
N ARG C 97 20.98 9.67 -8.91
CA ARG C 97 21.98 10.63 -9.34
C ARG C 97 23.34 9.97 -9.42
N GLU C 98 24.20 10.53 -10.28
CA GLU C 98 25.57 10.04 -10.43
C GLU C 98 26.27 9.99 -9.06
N GLY C 99 26.02 10.96 -8.19
CA GLY C 99 26.68 10.92 -6.89
C GLY C 99 26.11 9.86 -5.95
N ASN C 100 24.90 9.34 -6.21
CA ASN C 100 24.31 8.39 -5.26
C ASN C 100 24.18 6.98 -5.86
N ILE C 101 24.26 6.86 -7.19
CA ILE C 101 23.86 5.66 -7.87
C ILE C 101 24.49 4.42 -7.29
N MET C 102 25.78 4.44 -6.98
CA MET C 102 26.46 3.22 -6.57
C MET C 102 26.00 2.80 -5.18
N ALA C 103 25.76 3.76 -4.28
CA ALA C 103 25.28 3.46 -2.94
C ALA C 103 23.81 3.02 -3.00
N VAL C 104 23.02 3.56 -3.96
CA VAL C 104 21.60 3.21 -4.07
C VAL C 104 21.49 1.74 -4.50
N MET C 105 22.23 1.40 -5.55
CA MET C 105 22.27 0.05 -6.08
C MET C 105 22.80 -0.95 -5.03
N ALA C 106 23.88 -0.60 -4.35
CA ALA C 106 24.37 -1.51 -3.32
C ALA C 106 23.26 -1.79 -2.30
N THR C 107 22.52 -0.74 -1.93
CA THR C 107 21.50 -0.86 -0.91
C THR C 107 20.35 -1.71 -1.42
N ALA C 108 19.95 -1.48 -2.67
CA ALA C 108 18.88 -2.23 -3.32
C ALA C 108 19.25 -3.71 -3.45
N MET C 109 20.53 -4.00 -3.74
CA MET C 109 20.98 -5.39 -3.85
C MET C 109 20.81 -6.03 -2.46
N TYR C 110 21.18 -5.31 -1.40
CA TYR C 110 21.10 -5.91 -0.07
C TYR C 110 19.64 -6.07 0.36
N LEU C 111 18.75 -5.17 -0.09
CA LEU C 111 17.36 -5.19 0.34
C LEU C 111 16.56 -6.15 -0.56
N GLN C 112 17.13 -6.55 -1.70
CA GLN C 112 16.52 -7.53 -2.59
C GLN C 112 15.33 -6.87 -3.28
N MET C 113 15.64 -5.81 -4.01
CA MET C 113 14.70 -4.99 -4.72
C MET C 113 15.19 -5.00 -6.15
N GLU C 114 14.87 -6.07 -6.86
CA GLU C 114 15.56 -6.44 -8.09
C GLU C 114 15.22 -5.58 -9.30
N HIS C 115 13.97 -5.11 -9.45
N HIS C 115 13.98 -5.13 -9.44
CA HIS C 115 13.67 -4.21 -10.57
CA HIS C 115 13.68 -4.24 -10.55
C HIS C 115 14.32 -2.86 -10.30
C HIS C 115 14.35 -2.89 -10.30
N VAL C 116 14.57 -2.53 -9.03
CA VAL C 116 15.32 -1.33 -8.71
C VAL C 116 16.77 -1.55 -9.13
N VAL C 117 17.38 -2.62 -8.63
CA VAL C 117 18.74 -2.98 -8.98
C VAL C 117 18.91 -2.95 -10.50
N ASP C 118 17.94 -3.52 -11.21
CA ASP C 118 17.99 -3.55 -12.66
C ASP C 118 17.93 -2.15 -13.26
N THR C 119 17.04 -1.29 -12.76
CA THR C 119 16.97 0.09 -13.23
C THR C 119 18.30 0.80 -12.95
N CYS C 120 18.92 0.52 -11.80
CA CYS C 120 20.19 1.14 -11.45
C CYS C 120 21.25 0.82 -12.51
N ARG C 121 21.31 -0.47 -12.91
CA ARG C 121 22.24 -0.94 -13.95
C ARG C 121 21.98 -0.19 -15.25
N LYS C 122 20.71 0.10 -15.57
CA LYS C 122 20.41 0.79 -16.81
C LYS C 122 20.89 2.22 -16.71
N PHE C 123 20.75 2.80 -15.53
CA PHE C 123 21.15 4.19 -15.32
C PHE C 123 22.66 4.28 -15.48
N ILE C 124 23.40 3.35 -14.87
CA ILE C 124 24.85 3.30 -14.95
C ILE C 124 25.29 3.28 -16.41
N LYS C 125 24.76 2.32 -17.17
CA LYS C 125 25.26 2.04 -18.52
C LYS C 125 24.92 3.18 -19.48
N ALA C 126 23.84 3.90 -19.22
CA ALA C 126 23.39 4.98 -20.08
C ALA C 126 24.07 6.29 -19.70
N SER C 127 24.70 6.35 -18.52
CA SER C 127 25.44 7.54 -18.09
C SER C 127 26.64 7.73 -18.99
N GLU C 128 26.80 8.91 -19.59
CA GLU C 128 27.87 9.15 -20.56
C GLU C 128 28.63 10.47 -20.26
N LYS D 31 -27.26 -42.31 -23.44
CA LYS D 31 -28.70 -42.56 -23.15
C LYS D 31 -29.36 -41.21 -22.86
N ILE D 32 -30.64 -41.27 -22.47
CA ILE D 32 -31.38 -40.10 -22.00
C ILE D 32 -31.01 -39.80 -20.54
N PHE D 33 -29.98 -38.97 -20.33
CA PHE D 33 -29.66 -38.46 -19.01
C PHE D 33 -30.11 -37.00 -18.94
N LYS D 34 -31.08 -36.74 -18.04
CA LYS D 34 -31.65 -35.41 -17.86
C LYS D 34 -30.75 -34.60 -16.93
N PRO D 35 -30.63 -33.28 -17.15
CA PRO D 35 -29.99 -32.39 -16.17
C PRO D 35 -30.31 -32.78 -14.73
N GLU D 36 -31.60 -32.78 -14.38
CA GLU D 36 -32.00 -33.07 -13.02
C GLU D 36 -31.57 -34.47 -12.59
N GLU D 37 -31.56 -35.38 -13.57
CA GLU D 37 -31.11 -36.75 -13.34
C GLU D 37 -29.68 -36.73 -12.83
N LEU D 38 -28.77 -36.15 -13.65
CA LEU D 38 -27.34 -36.12 -13.37
C LEU D 38 -27.11 -35.38 -12.06
N ARG D 39 -27.71 -34.19 -11.97
CA ARG D 39 -27.64 -33.35 -10.78
C ARG D 39 -27.96 -34.17 -9.55
N GLN D 40 -29.02 -34.98 -9.61
CA GLN D 40 -29.47 -35.68 -8.42
C GLN D 40 -28.57 -36.88 -8.14
N ALA D 41 -28.03 -37.47 -9.21
CA ALA D 41 -27.16 -38.63 -9.14
C ALA D 41 -25.76 -38.26 -8.61
N LEU D 42 -25.21 -37.16 -9.17
CA LEU D 42 -23.79 -36.84 -9.08
C LEU D 42 -23.50 -35.83 -7.97
N MET D 43 -24.40 -34.84 -7.77
CA MET D 43 -24.17 -33.76 -6.82
C MET D 43 -23.84 -34.26 -5.41
N PRO D 44 -24.42 -35.35 -4.89
CA PRO D 44 -23.98 -35.85 -3.59
C PRO D 44 -22.50 -36.23 -3.57
N THR D 45 -21.97 -36.73 -4.69
CA THR D 45 -20.56 -37.09 -4.78
C THR D 45 -19.72 -35.83 -4.69
N LEU D 46 -20.15 -34.77 -5.38
CA LEU D 46 -19.48 -33.47 -5.29
C LEU D 46 -19.55 -32.93 -3.86
N GLU D 47 -20.76 -32.87 -3.32
CA GLU D 47 -21.00 -32.34 -1.97
C GLU D 47 -20.19 -33.13 -0.95
N ALA D 48 -19.99 -34.43 -1.19
CA ALA D 48 -19.20 -35.30 -0.31
C ALA D 48 -17.72 -34.90 -0.27
N LEU D 49 -17.23 -34.32 -1.37
CA LEU D 49 -15.86 -33.83 -1.46
C LEU D 49 -15.73 -32.56 -0.61
N TYR D 50 -16.61 -31.58 -0.86
CA TYR D 50 -16.66 -30.36 -0.08
C TYR D 50 -16.68 -30.68 1.41
N ARG D 51 -17.49 -31.66 1.80
CA ARG D 51 -17.63 -31.96 3.22
C ARG D 51 -16.28 -32.27 3.85
N GLN D 52 -15.36 -32.84 3.06
CA GLN D 52 -14.02 -33.16 3.56
C GLN D 52 -13.26 -31.90 3.90
N ASP D 53 -12.88 -31.79 5.18
CA ASP D 53 -12.16 -30.65 5.71
C ASP D 53 -10.99 -31.03 6.63
N PRO D 54 -9.73 -30.61 6.39
CA PRO D 54 -9.40 -29.50 5.48
C PRO D 54 -9.20 -29.84 3.98
N GLU D 55 -9.24 -31.13 3.63
CA GLU D 55 -8.70 -31.61 2.36
C GLU D 55 -9.30 -30.91 1.14
N SER D 56 -10.57 -30.49 1.20
CA SER D 56 -11.21 -29.89 0.05
C SER D 56 -10.82 -28.43 -0.14
N LEU D 57 -10.10 -27.85 0.82
CA LEU D 57 -10.00 -26.40 0.86
C LEU D 57 -9.16 -25.87 -0.29
N PRO D 58 -8.02 -26.52 -0.65
CA PRO D 58 -7.27 -26.09 -1.81
C PRO D 58 -8.00 -26.32 -3.14
N PHE D 59 -9.19 -26.96 -3.09
CA PHE D 59 -9.89 -27.38 -4.31
C PHE D 59 -11.19 -26.60 -4.54
N ARG D 60 -11.68 -25.88 -3.52
CA ARG D 60 -13.01 -25.29 -3.59
C ARG D 60 -13.09 -24.11 -4.55
N GLN D 61 -11.97 -23.46 -4.84
CA GLN D 61 -12.03 -22.29 -5.71
C GLN D 61 -10.96 -22.44 -6.79
N PRO D 62 -11.11 -21.83 -7.98
CA PRO D 62 -10.06 -21.93 -8.96
C PRO D 62 -8.73 -21.53 -8.35
N VAL D 63 -7.65 -22.24 -8.74
CA VAL D 63 -6.32 -21.86 -8.33
C VAL D 63 -6.05 -20.44 -8.86
N ASP D 64 -5.61 -19.57 -7.93
CA ASP D 64 -5.26 -18.16 -8.19
C ASP D 64 -3.74 -18.00 -8.14
N PRO D 65 -3.06 -18.07 -9.32
CA PRO D 65 -1.60 -18.08 -9.33
C PRO D 65 -1.02 -16.79 -8.73
N GLN D 66 -1.70 -15.68 -9.01
CA GLN D 66 -1.23 -14.38 -8.57
C GLN D 66 -1.32 -14.23 -7.06
N LEU D 67 -2.49 -14.42 -6.47
CA LEU D 67 -2.65 -14.27 -5.03
C LEU D 67 -1.70 -15.23 -4.31
N LEU D 68 -1.62 -16.48 -4.80
CA LEU D 68 -0.90 -17.55 -4.12
C LEU D 68 0.61 -17.43 -4.29
N GLY D 69 1.05 -16.74 -5.35
CA GLY D 69 2.47 -16.44 -5.52
C GLY D 69 3.20 -17.66 -6.05
N ILE D 70 2.69 -18.15 -7.19
CA ILE D 70 3.17 -19.36 -7.84
C ILE D 70 2.93 -19.16 -9.32
N PRO D 71 3.73 -18.26 -9.95
CA PRO D 71 3.42 -17.78 -11.29
C PRO D 71 3.56 -18.82 -12.38
N ASP D 72 4.23 -19.95 -12.11
CA ASP D 72 4.40 -20.98 -13.12
C ASP D 72 3.12 -21.81 -13.31
N TYR D 73 2.16 -21.72 -12.38
CA TYR D 73 1.01 -22.62 -12.34
C TYR D 73 0.41 -22.84 -13.73
N PHE D 74 0.12 -21.76 -14.46
CA PHE D 74 -0.62 -21.88 -15.71
C PHE D 74 0.30 -22.37 -16.84
N ASP D 75 1.60 -22.56 -16.58
CA ASP D 75 2.47 -23.18 -17.57
C ASP D 75 2.41 -24.69 -17.43
N ILE D 76 2.39 -25.18 -16.18
CA ILE D 76 2.27 -26.58 -15.85
C ILE D 76 0.86 -27.11 -16.12
N VAL D 77 -0.16 -26.33 -15.74
CA VAL D 77 -1.54 -26.76 -15.73
C VAL D 77 -2.31 -26.00 -16.80
N LYS D 78 -2.55 -26.65 -17.93
CA LYS D 78 -3.07 -25.96 -19.10
C LYS D 78 -4.59 -26.07 -19.14
N SER D 79 -5.19 -26.92 -18.31
CA SER D 79 -6.64 -27.01 -18.27
C SER D 79 -7.08 -27.04 -16.80
N PRO D 80 -7.20 -25.87 -16.14
CA PRO D 80 -7.53 -25.81 -14.73
C PRO D 80 -8.91 -26.34 -14.44
N MET D 81 -9.12 -26.82 -13.20
CA MET D 81 -10.43 -27.27 -12.77
C MET D 81 -10.48 -27.33 -11.25
N ASP D 82 -11.66 -27.01 -10.69
CA ASP D 82 -11.84 -27.02 -9.25
C ASP D 82 -13.29 -27.37 -8.93
N LEU D 83 -13.56 -27.66 -7.66
CA LEU D 83 -14.90 -28.00 -7.20
C LEU D 83 -15.94 -27.00 -7.71
N SER D 84 -15.62 -25.70 -7.61
CA SER D 84 -16.62 -24.67 -7.85
C SER D 84 -17.00 -24.64 -9.32
N THR D 85 -16.02 -24.83 -10.20
CA THR D 85 -16.31 -24.85 -11.63
C THR D 85 -17.18 -26.06 -11.99
N ILE D 86 -17.03 -27.15 -11.25
CA ILE D 86 -17.74 -28.37 -11.58
C ILE D 86 -19.19 -28.20 -11.12
N LYS D 87 -19.35 -27.68 -9.90
CA LYS D 87 -20.67 -27.36 -9.36
C LYS D 87 -21.46 -26.49 -10.34
N ARG D 88 -20.84 -25.43 -10.89
CA ARG D 88 -21.51 -24.58 -11.86
C ARG D 88 -22.01 -25.43 -13.02
N LYS D 89 -21.12 -26.23 -13.59
CA LYS D 89 -21.44 -27.02 -14.77
C LYS D 89 -22.63 -27.97 -14.54
N LEU D 90 -22.69 -28.62 -13.36
CA LEU D 90 -23.84 -29.44 -12.99
C LEU D 90 -25.12 -28.60 -13.01
N ASP D 91 -25.15 -27.56 -12.17
CA ASP D 91 -26.30 -26.70 -11.95
C ASP D 91 -26.71 -25.95 -13.22
N THR D 92 -25.79 -25.75 -14.16
CA THR D 92 -26.11 -25.17 -15.46
C THR D 92 -26.40 -26.27 -16.49
N GLY D 93 -26.54 -27.52 -16.04
CA GLY D 93 -26.69 -28.67 -16.93
C GLY D 93 -25.74 -28.62 -18.13
N GLN D 94 -24.43 -28.57 -17.88
CA GLN D 94 -23.44 -28.57 -18.94
C GLN D 94 -22.86 -29.96 -19.19
N TYR D 95 -23.16 -30.90 -18.28
CA TYR D 95 -22.79 -32.29 -18.49
C TYR D 95 -23.96 -33.01 -19.15
N GLN D 96 -23.70 -33.67 -20.31
CA GLN D 96 -24.64 -34.58 -20.94
C GLN D 96 -24.58 -35.97 -20.28
N GLU D 97 -23.37 -36.45 -19.97
CA GLU D 97 -23.22 -37.80 -19.47
C GLU D 97 -22.30 -37.79 -18.25
N PRO D 98 -22.50 -38.73 -17.31
CA PRO D 98 -21.71 -38.78 -16.10
C PRO D 98 -20.20 -38.98 -16.29
N TRP D 99 -19.76 -39.51 -17.44
CA TRP D 99 -18.33 -39.69 -17.65
C TRP D 99 -17.65 -38.32 -17.80
N GLN D 100 -18.39 -37.34 -18.33
CA GLN D 100 -17.88 -35.99 -18.48
C GLN D 100 -17.68 -35.33 -17.11
N TYR D 101 -18.60 -35.58 -16.18
CA TYR D 101 -18.43 -35.11 -14.81
C TYR D 101 -17.17 -35.78 -14.25
N VAL D 102 -17.01 -37.09 -14.50
CA VAL D 102 -15.97 -37.86 -13.83
C VAL D 102 -14.60 -37.43 -14.40
N ASP D 103 -14.57 -37.09 -15.69
CA ASP D 103 -13.39 -36.54 -16.31
C ASP D 103 -12.91 -35.25 -15.62
N ASP D 104 -13.82 -34.30 -15.35
CA ASP D 104 -13.44 -33.04 -14.73
C ASP D 104 -12.91 -33.30 -13.32
N ILE D 105 -13.53 -34.24 -12.61
CA ILE D 105 -13.07 -34.51 -11.26
C ILE D 105 -11.61 -34.99 -11.31
N TRP D 106 -11.31 -35.85 -12.29
CA TRP D 106 -9.97 -36.43 -12.39
C TRP D 106 -8.99 -35.39 -12.94
N LEU D 107 -9.38 -34.62 -13.96
CA LEU D 107 -8.59 -33.46 -14.32
C LEU D 107 -8.21 -32.62 -13.09
N MET D 108 -9.17 -32.33 -12.23
CA MET D 108 -8.90 -31.53 -11.05
C MET D 108 -7.84 -32.20 -10.17
N PHE D 109 -8.05 -33.47 -9.84
CA PHE D 109 -7.09 -34.18 -8.99
C PHE D 109 -5.74 -34.29 -9.69
N ASN D 110 -5.76 -34.46 -11.02
CA ASN D 110 -4.55 -34.75 -11.74
C ASN D 110 -3.72 -33.48 -11.83
N ASN D 111 -4.38 -32.32 -12.09
CA ASN D 111 -3.74 -31.02 -12.02
C ASN D 111 -3.00 -30.87 -10.66
N ALA D 112 -3.65 -31.24 -9.57
CA ALA D 112 -3.01 -31.07 -8.28
C ALA D 112 -1.80 -31.99 -8.15
N TRP D 113 -1.93 -33.26 -8.56
CA TRP D 113 -0.83 -34.22 -8.41
C TRP D 113 0.37 -33.84 -9.29
N LEU D 114 0.07 -33.34 -10.49
CA LEU D 114 1.01 -32.80 -11.46
C LEU D 114 1.77 -31.62 -10.84
N TYR D 115 1.00 -30.62 -10.36
CA TYR D 115 1.57 -29.32 -9.99
C TYR D 115 2.25 -29.42 -8.62
N ASN D 116 1.63 -30.05 -7.65
CA ASN D 116 2.16 -30.01 -6.29
C ASN D 116 3.19 -31.13 -6.11
N ARG D 117 4.18 -30.91 -5.26
CA ARG D 117 5.19 -31.92 -5.02
C ARG D 117 4.60 -32.95 -4.09
N LYS D 118 5.18 -34.16 -4.09
CA LYS D 118 4.60 -35.31 -3.40
C LYS D 118 4.74 -35.13 -1.88
N THR D 119 5.69 -34.28 -1.47
CA THR D 119 5.92 -33.95 -0.07
C THR D 119 4.90 -32.93 0.46
N SER D 120 4.22 -32.20 -0.45
CA SER D 120 3.40 -31.04 -0.08
C SER D 120 2.04 -31.44 0.49
N ARG D 121 1.44 -30.52 1.23
CA ARG D 121 0.18 -30.77 1.90
C ARG D 121 -0.97 -30.90 0.89
N VAL D 122 -0.95 -30.11 -0.19
CA VAL D 122 -2.07 -30.09 -1.12
C VAL D 122 -2.06 -31.37 -1.97
N TYR D 123 -0.87 -31.90 -2.29
CA TYR D 123 -0.75 -33.19 -2.93
C TYR D 123 -1.32 -34.27 -2.01
N LYS D 124 -0.89 -34.28 -0.75
CA LYS D 124 -1.40 -35.24 0.21
C LYS D 124 -2.92 -35.13 0.35
N TYR D 125 -3.45 -33.91 0.31
CA TYR D 125 -4.88 -33.71 0.39
C TYR D 125 -5.54 -34.27 -0.86
N CYS D 126 -4.89 -34.08 -2.03
CA CYS D 126 -5.37 -34.63 -3.29
C CYS D 126 -5.56 -36.15 -3.21
N SER D 127 -4.55 -36.86 -2.69
CA SER D 127 -4.62 -38.29 -2.53
C SER D 127 -5.84 -38.69 -1.72
N LYS D 128 -6.01 -38.04 -0.56
CA LYS D 128 -7.08 -38.37 0.38
C LYS D 128 -8.43 -38.10 -0.25
N LEU D 129 -8.53 -36.94 -0.89
CA LEU D 129 -9.79 -36.50 -1.47
C LEU D 129 -10.19 -37.50 -2.57
N SER D 130 -9.20 -38.01 -3.30
CA SER D 130 -9.47 -38.87 -4.44
C SER D 130 -10.03 -40.20 -3.93
N GLU D 131 -9.48 -40.72 -2.82
CA GLU D 131 -10.03 -41.89 -2.12
C GLU D 131 -11.54 -41.76 -1.94
N VAL D 132 -11.95 -40.62 -1.35
CA VAL D 132 -13.33 -40.32 -1.02
C VAL D 132 -14.18 -40.28 -2.30
N PHE D 133 -13.62 -39.69 -3.34
CA PHE D 133 -14.39 -39.61 -4.56
C PHE D 133 -14.67 -41.01 -5.10
N GLU D 134 -13.63 -41.86 -5.08
CA GLU D 134 -13.70 -43.22 -5.63
C GLU D 134 -14.75 -44.02 -4.86
N GLN D 135 -14.68 -43.97 -3.52
CA GLN D 135 -15.67 -44.57 -2.64
C GLN D 135 -17.10 -44.15 -3.00
N GLU D 136 -17.30 -42.89 -3.38
CA GLU D 136 -18.63 -42.35 -3.60
C GLU D 136 -19.18 -42.60 -5.02
N ILE D 137 -18.29 -42.69 -6.00
CA ILE D 137 -18.72 -42.59 -7.38
C ILE D 137 -18.91 -44.00 -7.95
N ASP D 138 -18.24 -45.00 -7.36
CA ASP D 138 -18.28 -46.36 -7.91
C ASP D 138 -19.70 -46.90 -7.79
N PRO D 139 -20.31 -46.83 -6.58
CA PRO D 139 -21.74 -47.08 -6.42
C PRO D 139 -22.59 -46.35 -7.45
N VAL D 140 -22.51 -45.02 -7.44
CA VAL D 140 -23.37 -44.19 -8.25
C VAL D 140 -23.25 -44.53 -9.74
N MET D 141 -22.05 -44.94 -10.19
CA MET D 141 -21.84 -45.09 -11.62
C MET D 141 -22.46 -46.40 -12.11
N GLN D 142 -22.63 -47.40 -11.22
CA GLN D 142 -23.36 -48.59 -11.60
C GLN D 142 -24.80 -48.24 -11.96
N SER D 143 -25.46 -47.46 -11.09
CA SER D 143 -26.87 -47.16 -11.23
C SER D 143 -27.14 -46.47 -12.58
#